data_2Y89
#
_entry.id   2Y89
#
_cell.length_a   141.534
_cell.length_b   141.534
_cell.length_c   141.534
_cell.angle_alpha   90.00
_cell.angle_beta   90.00
_cell.angle_gamma   90.00
#
_symmetry.space_group_name_H-M   'P 43 3 2'
#
loop_
_entity.id
_entity.type
_entity.pdbx_description
1 polymer 'PHOSPHORIBOSYL ISOMERASE A'
2 non-polymer 'SULFATE ION'
3 water water
#
_entity_poly.entity_id   1
_entity_poly.type   'polypeptide(L)'
_entity_poly.pdbx_seq_one_letter_code
;MPLILLPAVNVVEGRAVRLVQGKAGSQTEYGSAVDAALGWQRDGAEWIHLVDLDAAFGRGSNHELLAEVVGKLDVQVELS
GGIRDDESLAAALATGCARVNVGTAALENPQWCARVIGEHGDQVAVGLDVQIIDGEHRLRGRGWETDGGDLWDVLERLDS
EGCSRFVVTDITKDGTLGGPNLDLLAGVADRTDAPVIASGGVSSLDDLRAIATLTHRGVEGAIVGKALYARRFTLPQALA
AVRD
;
_entity_poly.pdbx_strand_id   A
#
loop_
_chem_comp.id
_chem_comp.type
_chem_comp.name
_chem_comp.formula
SO4 non-polymer 'SULFATE ION' 'O4 S -2'
#
# COMPACT_ATOMS: atom_id res chain seq x y z
N MET A 1 -20.63 3.77 -0.02
CA MET A 1 -19.47 2.85 0.11
C MET A 1 -18.14 3.57 -0.22
N PRO A 2 -17.78 4.59 0.58
CA PRO A 2 -16.63 5.45 0.25
C PRO A 2 -15.30 4.72 0.11
N LEU A 3 -14.41 5.31 -0.68
CA LEU A 3 -13.01 4.89 -0.77
C LEU A 3 -12.37 4.91 0.63
N ILE A 4 -11.71 3.82 0.99
CA ILE A 4 -10.99 3.71 2.25
C ILE A 4 -9.63 4.37 2.08
N LEU A 5 -9.29 5.29 2.97
CA LEU A 5 -7.97 5.88 2.95
C LEU A 5 -7.07 5.16 3.94
N LEU A 6 -5.87 4.80 3.48
CA LEU A 6 -4.88 4.16 4.31
C LEU A 6 -3.67 5.09 4.35
N PRO A 7 -3.64 5.96 5.38
CA PRO A 7 -2.45 6.78 5.56
C PRO A 7 -1.26 5.87 5.83
N ALA A 8 -0.16 6.16 5.15
CA ALA A 8 1.04 5.34 5.25
C ALA A 8 1.88 5.80 6.43
N VAL A 9 2.45 4.84 7.14
CA VAL A 9 3.56 5.10 8.06
C VAL A 9 4.71 4.21 7.62
N ASN A 10 5.76 4.83 7.05
CA ASN A 10 6.96 4.12 6.59
C ASN A 10 7.99 4.02 7.69
N VAL A 11 8.51 2.82 7.92
CA VAL A 11 9.41 2.62 9.07
C VAL A 11 10.85 2.24 8.69
N VAL A 12 11.78 3.04 9.18
CA VAL A 12 13.22 2.81 9.01
C VAL A 12 13.89 3.02 10.36
N GLU A 13 14.77 2.09 10.72
CA GLU A 13 15.53 2.14 11.97
C GLU A 13 14.61 2.32 13.19
N GLY A 14 13.45 1.68 13.15
CA GLY A 14 12.49 1.76 14.23
C GLY A 14 11.78 3.09 14.31
N ARG A 15 11.92 3.92 13.28
CA ARG A 15 11.37 5.26 13.32
C ARG A 15 10.49 5.48 12.10
N ALA A 16 9.55 6.41 12.20
CA ALA A 16 8.77 6.82 11.04
C ALA A 16 9.58 7.80 10.19
N VAL A 17 9.53 7.63 8.87
CA VAL A 17 10.24 8.48 7.94
C VAL A 17 9.28 8.99 6.86
N ARG A 18 9.37 10.28 6.56
CA ARG A 18 8.55 10.90 5.53
C ARG A 18 9.26 12.00 4.77
N LEU A 19 8.92 12.14 3.49
CA LEU A 19 9.35 13.28 2.72
C LEU A 19 8.32 14.37 2.96
N VAL A 20 8.79 15.48 3.53
CA VAL A 20 7.91 16.58 3.87
C VAL A 20 8.20 17.84 3.07
N GLN A 21 7.17 18.65 2.89
CA GLN A 21 7.34 19.98 2.34
C GLN A 21 7.25 20.98 3.47
N GLY A 22 8.38 21.61 3.82
CA GLY A 22 8.37 22.69 4.77
C GLY A 22 8.27 23.98 3.99
N LYS A 23 8.32 25.12 4.69
CA LYS A 23 8.23 26.42 4.05
C LYS A 23 9.34 26.61 3.02
N ALA A 24 10.55 26.19 3.38
CA ALA A 24 11.75 26.43 2.58
C ALA A 24 11.91 25.41 1.45
N GLY A 25 11.23 24.28 1.59
CA GLY A 25 11.29 23.25 0.58
C GLY A 25 11.25 21.87 1.19
N SER A 26 11.60 20.89 0.39
CA SER A 26 11.47 19.49 0.78
C SER A 26 12.64 19.05 1.64
N GLN A 27 12.34 18.16 2.58
CA GLN A 27 13.35 17.50 3.38
C GLN A 27 12.76 16.22 3.95
N THR A 28 13.63 15.36 4.45
CA THR A 28 13.21 14.11 5.04
C THR A 28 13.04 14.30 6.53
N GLU A 29 11.84 14.01 7.02
CA GLU A 29 11.55 14.11 8.43
C GLU A 29 11.35 12.75 9.06
N TYR A 30 12.06 12.48 10.15
CA TYR A 30 11.77 11.32 10.97
C TYR A 30 10.91 11.69 12.19
N GLY A 31 10.15 10.71 12.68
CA GLY A 31 9.39 10.84 13.91
C GLY A 31 9.08 9.48 14.46
N SER A 32 8.33 9.41 15.56
CA SER A 32 7.91 8.14 16.13
C SER A 32 6.83 7.53 15.27
N ALA A 33 6.95 6.23 15.00
CA ALA A 33 5.96 5.52 14.22
C ALA A 33 4.64 5.43 14.99
N VAL A 34 4.75 5.30 16.32
CA VAL A 34 3.57 5.31 17.19
C VAL A 34 2.83 6.64 17.06
N ASP A 35 3.57 7.75 17.14
CA ASP A 35 3.00 9.10 17.00
C ASP A 35 2.28 9.32 15.69
N ALA A 36 2.88 8.86 14.60
CA ALA A 36 2.33 9.03 13.27
C ALA A 36 1.04 8.23 13.13
N ALA A 37 1.07 6.99 13.60
CA ALA A 37 -0.10 6.12 13.52
C ALA A 37 -1.24 6.68 14.39
N LEU A 38 -0.94 7.00 15.64
CA LEU A 38 -1.98 7.51 16.53
C LEU A 38 -2.57 8.82 16.00
N GLY A 39 -1.71 9.63 15.35
CA GLY A 39 -2.14 10.88 14.75
C GLY A 39 -3.17 10.63 13.67
N TRP A 40 -2.89 9.66 12.81
CA TRP A 40 -3.80 9.31 11.73
C TRP A 40 -5.12 8.80 12.27
N GLN A 41 -5.05 7.94 13.28
CA GLN A 41 -6.23 7.38 13.92
C GLN A 41 -7.14 8.48 14.48
N ARG A 42 -6.57 9.42 15.22
CA ARG A 42 -7.34 10.54 15.77
C ARG A 42 -7.89 11.44 14.67
N ASP A 43 -7.14 11.56 13.56
CA ASP A 43 -7.59 12.30 12.39
C ASP A 43 -8.78 11.61 11.70
N GLY A 44 -8.98 10.32 12.01
CA GLY A 44 -10.15 9.57 11.54
C GLY A 44 -9.85 8.32 10.72
N ALA A 45 -8.57 7.96 10.60
CA ALA A 45 -8.19 6.77 9.83
C ALA A 45 -8.81 5.51 10.42
N GLU A 46 -9.37 4.68 9.56
CA GLU A 46 -9.88 3.37 9.97
C GLU A 46 -8.84 2.30 9.64
N TRP A 47 -7.87 2.67 8.79
CA TRP A 47 -6.80 1.77 8.39
C TRP A 47 -5.52 2.55 8.33
N ILE A 48 -4.42 1.90 8.74
CA ILE A 48 -3.09 2.45 8.62
C ILE A 48 -2.31 1.49 7.70
N HIS A 49 -1.55 2.04 6.76
CA HIS A 49 -0.69 1.22 5.94
C HIS A 49 0.72 1.34 6.50
N LEU A 50 1.14 0.28 7.18
CA LEU A 50 2.39 0.28 7.91
C LEU A 50 3.44 -0.49 7.10
N VAL A 51 4.53 0.17 6.76
CA VAL A 51 5.57 -0.43 5.92
C VAL A 51 6.88 -0.53 6.67
N ASP A 52 7.44 -1.74 6.73
CA ASP A 52 8.79 -1.92 7.24
C ASP A 52 9.77 -1.78 6.08
N LEU A 53 10.38 -0.60 5.94
CA LEU A 53 11.31 -0.35 4.85
C LEU A 53 12.66 -1.04 5.06
N ASP A 54 13.02 -1.30 6.31
CA ASP A 54 14.23 -2.08 6.61
C ASP A 54 14.06 -3.52 6.14
N ALA A 55 12.89 -4.10 6.41
CA ALA A 55 12.58 -5.45 6.00
C ALA A 55 12.51 -5.53 4.48
N ALA A 56 11.91 -4.50 3.87
CA ALA A 56 11.78 -4.40 2.43
C ALA A 56 13.12 -4.50 1.71
N PHE A 57 14.20 -4.17 2.42
CA PHE A 57 15.55 -4.26 1.87
C PHE A 57 16.48 -5.21 2.66
N GLY A 58 15.90 -6.01 3.55
CA GLY A 58 16.65 -6.98 4.36
C GLY A 58 17.74 -6.34 5.20
N ARG A 59 17.56 -5.06 5.50
CA ARG A 59 18.54 -4.29 6.24
C ARG A 59 18.26 -4.36 7.72
N GLY A 60 17.17 -5.04 8.05
CA GLY A 60 16.76 -5.23 9.42
C GLY A 60 15.27 -5.47 9.50
N SER A 61 14.78 -5.69 10.71
CA SER A 61 13.34 -5.74 10.94
C SER A 61 13.01 -4.84 12.11
N ASN A 62 11.79 -4.32 12.09
CA ASN A 62 11.28 -3.48 13.14
C ASN A 62 10.09 -4.16 13.80
N HIS A 63 10.22 -5.47 13.98
CA HIS A 63 9.11 -6.33 14.37
C HIS A 63 8.43 -5.90 15.65
N GLU A 64 9.22 -5.67 16.71
CA GLU A 64 8.66 -5.32 18.01
C GLU A 64 7.96 -3.96 17.98
N LEU A 65 8.50 -3.04 17.19
CA LEU A 65 7.89 -1.72 17.03
C LEU A 65 6.56 -1.84 16.27
N LEU A 66 6.59 -2.60 15.18
CA LEU A 66 5.42 -2.89 14.39
C LEU A 66 4.28 -3.44 15.27
N ALA A 67 4.62 -4.38 16.16
CA ALA A 67 3.64 -4.95 17.08
C ALA A 67 3.08 -3.91 18.06
N GLU A 68 3.94 -3.02 18.54
CA GLU A 68 3.56 -1.94 19.44
C GLU A 68 2.60 -0.97 18.74
N VAL A 69 2.82 -0.71 17.46
CA VAL A 69 1.93 0.18 16.72
C VAL A 69 0.55 -0.49 16.57
N VAL A 70 0.55 -1.73 16.10
CA VAL A 70 -0.68 -2.49 15.93
C VAL A 70 -1.44 -2.62 17.25
N GLY A 71 -0.71 -2.87 18.33
CA GLY A 71 -1.30 -3.05 19.64
C GLY A 71 -1.95 -1.78 20.17
N LYS A 72 -1.22 -0.67 20.08
CA LYS A 72 -1.71 0.63 20.58
C LYS A 72 -2.86 1.20 19.77
N LEU A 73 -2.89 0.89 18.48
CA LEU A 73 -3.99 1.34 17.62
C LEU A 73 -5.28 0.62 17.99
N ASP A 74 -6.39 1.30 17.77
CA ASP A 74 -7.71 0.69 17.93
C ASP A 74 -8.29 0.35 16.56
N VAL A 75 -7.60 0.78 15.51
CA VAL A 75 -8.04 0.55 14.16
C VAL A 75 -7.14 -0.49 13.51
N GLN A 76 -7.40 -0.75 12.23
CA GLN A 76 -6.78 -1.88 11.57
C GLN A 76 -5.52 -1.49 10.82
N VAL A 77 -4.58 -2.42 10.79
CA VAL A 77 -3.29 -2.20 10.17
C VAL A 77 -3.09 -3.18 9.02
N GLU A 78 -2.69 -2.64 7.88
CA GLU A 78 -2.18 -3.41 6.77
C GLU A 78 -0.66 -3.27 6.79
N LEU A 79 0.03 -4.40 6.93
CA LEU A 79 1.47 -4.42 7.09
C LEU A 79 2.19 -4.91 5.84
N SER A 80 3.24 -4.20 5.46
CA SER A 80 3.99 -4.54 4.26
C SER A 80 5.50 -4.45 4.50
N GLY A 81 6.26 -5.10 3.62
CA GLY A 81 7.71 -4.91 3.61
C GLY A 81 8.47 -6.17 3.94
N GLY A 82 9.12 -6.73 2.91
CA GLY A 82 9.95 -7.91 3.07
C GLY A 82 9.23 -9.18 3.47
N ILE A 83 7.93 -9.27 3.19
CA ILE A 83 7.16 -10.47 3.52
C ILE A 83 7.29 -11.44 2.35
N ARG A 84 8.18 -12.42 2.51
CA ARG A 84 8.70 -13.19 1.37
C ARG A 84 8.71 -14.70 1.56
N ASP A 85 8.73 -15.14 2.81
CA ASP A 85 8.77 -16.58 3.10
C ASP A 85 7.99 -16.89 4.38
N ASP A 86 7.97 -18.15 4.78
CA ASP A 86 7.27 -18.61 5.96
C ASP A 86 7.65 -17.84 7.23
N GLU A 87 8.94 -17.62 7.40
CA GLU A 87 9.46 -16.98 8.60
C GLU A 87 9.03 -15.50 8.68
N SER A 88 9.16 -14.79 7.58
CA SER A 88 8.81 -13.37 7.55
C SER A 88 7.30 -13.18 7.56
N LEU A 89 6.55 -14.10 6.94
CA LEU A 89 5.09 -14.04 6.98
C LEU A 89 4.57 -14.24 8.39
N ALA A 90 5.03 -15.29 9.05
CA ALA A 90 4.67 -15.55 10.45
C ALA A 90 4.97 -14.33 11.32
N ALA A 91 6.14 -13.74 11.15
CA ALA A 91 6.56 -12.60 11.94
C ALA A 91 5.62 -11.42 11.71
N ALA A 92 5.27 -11.16 10.45
CA ALA A 92 4.33 -10.10 10.12
C ALA A 92 2.96 -10.33 10.76
N LEU A 93 2.45 -11.55 10.67
CA LEU A 93 1.14 -11.83 11.27
C LEU A 93 1.22 -11.78 12.78
N ALA A 94 2.40 -12.10 13.33
CA ALA A 94 2.60 -12.11 14.77
C ALA A 94 2.54 -10.70 15.37
N THR A 95 2.57 -9.67 14.52
CA THR A 95 2.37 -8.30 14.98
C THR A 95 0.92 -8.06 15.39
N GLY A 96 0.03 -8.96 14.94
CA GLY A 96 -1.39 -8.82 15.19
C GLY A 96 -2.10 -7.94 14.19
N CYS A 97 -1.42 -7.62 13.09
CA CYS A 97 -1.98 -6.77 12.05
C CYS A 97 -3.16 -7.46 11.36
N ALA A 98 -4.12 -6.67 10.88
CA ALA A 98 -5.32 -7.18 10.24
C ALA A 98 -4.95 -7.98 8.98
N ARG A 99 -4.11 -7.38 8.13
CA ARG A 99 -3.61 -8.07 6.96
C ARG A 99 -2.20 -7.62 6.57
N VAL A 100 -1.57 -8.45 5.74
CA VAL A 100 -0.24 -8.15 5.23
C VAL A 100 -0.28 -7.96 3.71
N ASN A 101 0.74 -7.29 3.18
CA ASN A 101 0.97 -7.22 1.76
C ASN A 101 2.23 -8.00 1.39
N VAL A 102 2.07 -8.83 0.37
CA VAL A 102 3.16 -9.56 -0.25
C VAL A 102 3.43 -8.84 -1.59
N GLY A 103 4.70 -8.60 -1.91
CA GLY A 103 5.05 -7.86 -3.13
C GLY A 103 5.95 -8.62 -4.07
N THR A 104 7.26 -8.38 -3.95
CA THR A 104 8.28 -9.02 -4.79
C THR A 104 8.20 -10.55 -4.78
N ALA A 105 7.70 -11.11 -3.69
CA ALA A 105 7.56 -12.55 -3.53
C ALA A 105 6.65 -13.16 -4.58
N ALA A 106 5.68 -12.38 -5.07
CA ALA A 106 4.73 -12.83 -6.09
C ALA A 106 5.41 -13.02 -7.43
N LEU A 107 6.48 -12.28 -7.65
CA LEU A 107 7.26 -12.35 -8.87
C LEU A 107 8.42 -13.34 -8.73
N GLU A 108 8.79 -13.61 -7.49
CA GLU A 108 10.03 -14.33 -7.18
C GLU A 108 9.73 -15.76 -6.75
N ASN A 109 8.65 -15.93 -5.99
CA ASN A 109 8.24 -17.24 -5.50
C ASN A 109 6.73 -17.47 -5.66
N PRO A 110 6.27 -17.68 -6.91
CA PRO A 110 4.84 -17.77 -7.19
C PRO A 110 4.14 -18.88 -6.39
N GLN A 111 4.83 -20.00 -6.17
CA GLN A 111 4.22 -21.15 -5.49
C GLN A 111 4.02 -20.90 -3.99
N TRP A 112 5.05 -20.37 -3.34
CA TRP A 112 4.91 -19.95 -1.94
C TRP A 112 3.78 -18.95 -1.82
N CYS A 113 3.72 -18.04 -2.78
CA CYS A 113 2.70 -17.02 -2.82
C CYS A 113 1.28 -17.61 -2.93
N ALA A 114 1.11 -18.61 -3.78
CA ALA A 114 -0.18 -19.29 -3.97
C ALA A 114 -0.59 -20.08 -2.73
N ARG A 115 0.41 -20.62 -2.03
CA ARG A 115 0.22 -21.42 -0.83
C ARG A 115 -0.31 -20.56 0.31
N VAL A 116 0.31 -19.39 0.51
CA VAL A 116 -0.06 -18.51 1.60
C VAL A 116 -1.36 -17.75 1.34
N ILE A 117 -1.69 -17.52 0.08
CA ILE A 117 -3.00 -16.98 -0.30
C ILE A 117 -4.10 -17.96 0.11
N GLY A 118 -3.94 -19.24 -0.26
CA GLY A 118 -4.87 -20.30 0.11
C GLY A 118 -4.99 -20.48 1.62
N GLU A 119 -3.86 -20.32 2.32
CA GLU A 119 -3.82 -20.51 3.77
C GLU A 119 -4.49 -19.35 4.52
N HIS A 120 -4.19 -18.12 4.10
CA HIS A 120 -4.53 -16.95 4.91
C HIS A 120 -5.62 -16.06 4.32
N GLY A 121 -6.02 -16.34 3.09
CA GLY A 121 -7.15 -15.66 2.46
C GLY A 121 -7.08 -14.15 2.55
N ASP A 122 -8.01 -13.57 3.30
CA ASP A 122 -8.16 -12.11 3.42
C ASP A 122 -7.03 -11.44 4.20
N GLN A 123 -6.19 -12.24 4.86
CA GLN A 123 -5.05 -11.68 5.58
C GLN A 123 -3.87 -11.36 4.65
N VAL A 124 -3.93 -11.82 3.40
CA VAL A 124 -2.85 -11.61 2.46
C VAL A 124 -3.33 -10.84 1.22
N ALA A 125 -2.72 -9.68 0.99
CA ALA A 125 -2.92 -8.94 -0.24
C ALA A 125 -1.61 -8.94 -1.02
N VAL A 126 -1.69 -8.79 -2.34
CA VAL A 126 -0.50 -8.76 -3.17
C VAL A 126 -0.30 -7.38 -3.77
N GLY A 127 0.91 -6.86 -3.62
CA GLY A 127 1.27 -5.59 -4.22
C GLY A 127 1.76 -5.80 -5.63
N LEU A 128 1.16 -5.07 -6.57
CA LEU A 128 1.58 -5.11 -7.96
C LEU A 128 2.23 -3.78 -8.33
N ASP A 129 3.54 -3.83 -8.59
CA ASP A 129 4.30 -2.65 -9.01
C ASP A 129 4.45 -2.65 -10.53
N VAL A 130 3.71 -1.76 -11.18
CA VAL A 130 3.57 -1.81 -12.64
C VAL A 130 4.38 -0.74 -13.36
N GLN A 131 5.29 -1.20 -14.23
CA GLN A 131 6.03 -0.33 -15.12
C GLN A 131 5.41 -0.42 -16.52
N ILE A 132 5.20 0.73 -17.14
CA ILE A 132 4.61 0.78 -18.48
C ILE A 132 5.64 1.25 -19.50
N ILE A 133 6.17 0.30 -20.26
CA ILE A 133 7.18 0.57 -21.29
C ILE A 133 6.56 0.28 -22.65
N ASP A 134 6.52 1.30 -23.50
CA ASP A 134 5.94 1.21 -24.84
C ASP A 134 4.62 0.45 -24.86
N GLY A 135 3.70 0.82 -23.97
CA GLY A 135 2.38 0.21 -23.92
C GLY A 135 2.27 -1.07 -23.08
N GLU A 136 3.37 -1.83 -22.99
CA GLU A 136 3.40 -3.09 -22.24
C GLU A 136 3.33 -2.86 -20.73
N HIS A 137 2.48 -3.64 -20.06
CA HIS A 137 2.37 -3.59 -18.60
C HIS A 137 3.22 -4.67 -17.94
N ARG A 138 4.34 -4.24 -17.36
CA ARG A 138 5.30 -5.15 -16.75
C ARG A 138 5.29 -5.02 -15.23
N LEU A 139 5.59 -6.12 -14.55
CA LEU A 139 5.77 -6.10 -13.10
C LEU A 139 7.26 -6.13 -12.75
N ARG A 140 7.61 -5.36 -11.73
CA ARG A 140 8.97 -5.34 -11.20
C ARG A 140 8.88 -5.10 -9.70
N GLY A 141 10.01 -4.79 -9.08
CA GLY A 141 10.02 -4.40 -7.66
C GLY A 141 11.20 -4.93 -6.90
N ARG A 142 12.13 -4.02 -6.55
CA ARG A 142 13.24 -4.29 -5.64
C ARG A 142 14.27 -5.32 -6.12
N ASP A 147 13.52 -8.60 -15.45
CA ASP A 147 12.09 -8.29 -15.45
C ASP A 147 11.34 -9.13 -14.42
N GLY A 148 10.03 -8.90 -14.28
CA GLY A 148 9.22 -9.59 -13.28
C GLY A 148 7.94 -10.21 -13.79
N GLY A 149 7.71 -10.14 -15.11
CA GLY A 149 6.54 -10.76 -15.70
C GLY A 149 5.49 -9.80 -16.23
N ASP A 150 4.63 -10.32 -17.11
CA ASP A 150 3.53 -9.56 -17.69
C ASP A 150 2.47 -9.34 -16.61
N LEU A 151 1.98 -8.11 -16.50
CA LEU A 151 1.01 -7.77 -15.46
C LEU A 151 -0.27 -8.61 -15.58
N TRP A 152 -0.86 -8.63 -16.77
CA TRP A 152 -2.12 -9.31 -17.00
C TRP A 152 -2.02 -10.81 -16.76
N ASP A 153 -0.92 -11.41 -17.23
CA ASP A 153 -0.58 -12.80 -16.97
C ASP A 153 -0.51 -13.11 -15.48
N VAL A 154 0.27 -12.33 -14.74
CA VAL A 154 0.44 -12.58 -13.31
C VAL A 154 -0.84 -12.28 -12.53
N LEU A 155 -1.55 -11.23 -12.94
CA LEU A 155 -2.84 -10.89 -12.35
C LEU A 155 -3.85 -12.03 -12.48
N GLU A 156 -3.94 -12.63 -13.66
CA GLU A 156 -4.82 -13.76 -13.91
C GLU A 156 -4.45 -14.99 -13.06
N ARG A 157 -3.14 -15.27 -12.96
CA ARG A 157 -2.66 -16.38 -12.14
C ARG A 157 -3.05 -16.17 -10.67
N LEU A 158 -2.83 -14.96 -10.18
CA LEU A 158 -3.13 -14.63 -8.79
C LEU A 158 -4.64 -14.64 -8.52
N ASP A 159 -5.41 -14.08 -9.46
CA ASP A 159 -6.86 -14.10 -9.37
C ASP A 159 -7.39 -15.53 -9.28
N SER A 160 -6.85 -16.43 -10.11
CA SER A 160 -7.25 -17.83 -10.10
C SER A 160 -6.75 -18.57 -8.87
N GLU A 161 -5.68 -18.06 -8.27
CA GLU A 161 -5.13 -18.62 -7.03
C GLU A 161 -5.95 -18.19 -5.83
N GLY A 162 -6.88 -17.27 -6.04
CA GLY A 162 -7.79 -16.81 -4.99
C GLY A 162 -7.32 -15.60 -4.21
N CYS A 163 -6.38 -14.85 -4.80
CA CYS A 163 -5.86 -13.64 -4.16
C CYS A 163 -7.01 -12.75 -3.76
N SER A 164 -7.04 -12.39 -2.49
CA SER A 164 -8.18 -11.70 -1.90
C SER A 164 -8.19 -10.20 -2.21
N ARG A 165 -7.01 -9.62 -2.51
CA ARG A 165 -6.85 -8.18 -2.63
C ARG A 165 -5.54 -7.80 -3.33
N PHE A 166 -5.56 -6.72 -4.10
CA PHE A 166 -4.37 -6.24 -4.79
C PHE A 166 -4.06 -4.79 -4.48
N VAL A 167 -2.77 -4.49 -4.32
CA VAL A 167 -2.32 -3.12 -4.09
C VAL A 167 -1.57 -2.67 -5.35
N VAL A 168 -2.12 -1.69 -6.05
CA VAL A 168 -1.61 -1.33 -7.37
C VAL A 168 -0.88 0.01 -7.41
N THR A 169 0.42 -0.07 -7.72
CA THR A 169 1.24 1.11 -7.91
C THR A 169 1.71 1.18 -9.35
N ASP A 170 1.61 2.36 -9.95
CA ASP A 170 2.28 2.66 -11.20
C ASP A 170 3.64 3.23 -10.86
N ILE A 171 4.70 2.48 -11.16
CA ILE A 171 6.07 2.92 -10.86
C ILE A 171 6.82 3.43 -12.10
N THR A 172 6.09 3.66 -13.19
CA THR A 172 6.65 4.22 -14.42
C THR A 172 7.26 5.59 -14.13
N LYS A 173 8.47 5.82 -14.63
CA LYS A 173 9.18 7.09 -14.43
C LYS A 173 8.38 8.26 -14.99
N ASP A 174 7.77 9.03 -14.08
CA ASP A 174 6.95 10.18 -14.45
C ASP A 174 5.55 9.79 -14.94
N GLY A 175 5.10 8.60 -14.55
CA GLY A 175 3.80 8.07 -14.94
C GLY A 175 2.64 8.54 -14.08
N THR A 176 2.95 9.02 -12.87
CA THR A 176 1.95 9.62 -11.97
C THR A 176 2.13 11.14 -11.93
N LEU A 177 2.65 11.70 -13.02
CA LEU A 177 2.99 13.13 -13.09
C LEU A 177 1.77 14.05 -13.16
N GLY A 178 0.77 13.64 -13.93
CA GLY A 178 -0.48 14.41 -14.05
C GLY A 178 -1.57 13.87 -13.15
N GLY A 179 -1.17 13.13 -12.12
CA GLY A 179 -2.13 12.48 -11.22
C GLY A 179 -2.04 10.97 -11.30
N PRO A 180 -2.95 10.27 -10.57
CA PRO A 180 -2.95 8.80 -10.52
C PRO A 180 -3.37 8.19 -11.84
N ASN A 181 -2.89 6.99 -12.09
CA ASN A 181 -3.18 6.27 -13.32
C ASN A 181 -4.50 5.50 -13.18
N LEU A 182 -5.58 6.16 -13.56
CA LEU A 182 -6.92 5.59 -13.45
C LEU A 182 -7.15 4.46 -14.46
N ASP A 183 -6.53 4.56 -15.64
CA ASP A 183 -6.58 3.51 -16.65
C ASP A 183 -6.05 2.19 -16.09
N LEU A 184 -4.91 2.25 -15.42
CA LEU A 184 -4.28 1.06 -14.86
C LEU A 184 -5.12 0.51 -13.72
N LEU A 185 -5.54 1.40 -12.83
CA LEU A 185 -6.43 1.06 -11.71
C LEU A 185 -7.68 0.34 -12.21
N ALA A 186 -8.34 0.94 -13.20
CA ALA A 186 -9.53 0.38 -13.79
C ALA A 186 -9.20 -0.88 -14.59
N GLY A 187 -8.02 -0.89 -15.19
CA GLY A 187 -7.52 -2.05 -15.92
C GLY A 187 -7.49 -3.26 -15.02
N VAL A 188 -6.80 -3.13 -13.89
CA VAL A 188 -6.64 -4.23 -12.95
C VAL A 188 -7.98 -4.63 -12.33
N ALA A 189 -8.73 -3.64 -11.86
CA ALA A 189 -10.02 -3.86 -11.22
C ALA A 189 -11.01 -4.61 -12.11
N ASP A 190 -10.97 -4.34 -13.42
CA ASP A 190 -11.85 -5.03 -14.37
C ASP A 190 -11.46 -6.49 -14.60
N ARG A 191 -10.21 -6.84 -14.29
CA ARG A 191 -9.71 -8.18 -14.62
C ARG A 191 -9.66 -9.14 -13.44
N THR A 192 -10.04 -8.66 -12.27
CA THR A 192 -10.08 -9.50 -11.07
C THR A 192 -11.36 -9.24 -10.26
N ASP A 193 -11.80 -10.23 -9.51
CA ASP A 193 -12.94 -10.08 -8.61
C ASP A 193 -12.50 -9.50 -7.27
N ALA A 194 -11.19 -9.47 -7.04
CA ALA A 194 -10.63 -8.97 -5.79
C ALA A 194 -10.61 -7.44 -5.78
N PRO A 195 -10.86 -6.83 -4.60
CA PRO A 195 -10.73 -5.38 -4.50
C PRO A 195 -9.31 -4.91 -4.76
N VAL A 196 -9.19 -3.67 -5.21
CA VAL A 196 -7.92 -3.06 -5.57
C VAL A 196 -7.68 -1.85 -4.67
N ILE A 197 -6.48 -1.76 -4.09
CA ILE A 197 -6.07 -0.61 -3.29
C ILE A 197 -5.07 0.19 -4.11
N ALA A 198 -5.36 1.48 -4.34
CA ALA A 198 -4.46 2.36 -5.08
C ALA A 198 -3.31 2.85 -4.22
N SER A 199 -2.11 2.83 -4.79
CA SER A 199 -0.93 3.31 -4.10
C SER A 199 -0.12 4.15 -5.09
N GLY A 200 0.31 5.33 -4.65
CA GLY A 200 1.15 6.20 -5.46
C GLY A 200 0.35 7.22 -6.25
N GLY A 201 1.05 8.19 -6.84
CA GLY A 201 0.44 9.21 -7.67
C GLY A 201 -0.53 10.18 -7.02
N VAL A 202 -0.64 10.15 -5.69
CA VAL A 202 -1.52 11.07 -4.97
C VAL A 202 -0.71 12.27 -4.49
N SER A 203 -1.06 13.45 -5.00
CA SER A 203 -0.45 14.67 -4.50
C SER A 203 -1.50 15.69 -4.02
N SER A 204 -2.76 15.39 -4.23
CA SER A 204 -3.83 16.33 -3.90
C SER A 204 -5.12 15.64 -3.54
N LEU A 205 -6.07 16.42 -3.03
CA LEU A 205 -7.43 15.96 -2.77
C LEU A 205 -8.09 15.56 -4.07
N ASP A 206 -7.85 16.35 -5.12
CA ASP A 206 -8.38 16.04 -6.45
C ASP A 206 -7.96 14.66 -6.93
N ASP A 207 -6.73 14.26 -6.62
CA ASP A 207 -6.21 12.93 -6.97
C ASP A 207 -7.00 11.83 -6.26
N LEU A 208 -7.31 12.06 -4.99
CA LEU A 208 -8.13 11.15 -4.19
C LEU A 208 -9.56 11.06 -4.71
N ARG A 209 -10.12 12.23 -5.05
CA ARG A 209 -11.46 12.29 -5.64
C ARG A 209 -11.52 11.51 -6.94
N ALA A 210 -10.43 11.57 -7.71
CA ALA A 210 -10.34 10.89 -9.00
C ALA A 210 -10.32 9.37 -8.82
N ILE A 211 -9.49 8.89 -7.91
CA ILE A 211 -9.46 7.49 -7.51
C ILE A 211 -10.84 7.04 -7.01
N ALA A 212 -11.52 7.94 -6.30
CA ALA A 212 -12.85 7.64 -5.74
C ALA A 212 -13.91 7.37 -6.82
N THR A 213 -13.66 7.84 -8.04
CA THR A 213 -14.59 7.60 -9.16
C THR A 213 -14.60 6.14 -9.60
N LEU A 214 -13.69 5.35 -9.03
CA LEU A 214 -13.53 3.95 -9.41
C LEU A 214 -13.96 2.96 -8.33
N THR A 215 -14.57 3.46 -7.25
CA THR A 215 -15.02 2.59 -6.15
C THR A 215 -16.01 1.54 -6.65
N HIS A 216 -17.01 1.96 -7.42
CA HIS A 216 -18.00 1.05 -7.98
C HIS A 216 -17.37 0.06 -8.98
N ARG A 217 -16.13 0.32 -9.35
CA ARG A 217 -15.40 -0.54 -10.27
C ARG A 217 -14.39 -1.45 -9.59
N GLY A 218 -14.31 -1.40 -8.27
CA GLY A 218 -13.49 -2.35 -7.52
C GLY A 218 -12.25 -1.75 -6.87
N VAL A 219 -12.17 -0.42 -6.86
CA VAL A 219 -11.09 0.26 -6.16
C VAL A 219 -11.59 0.57 -4.76
N GLU A 220 -11.09 -0.23 -3.82
CA GLU A 220 -11.58 -0.25 -2.47
C GLU A 220 -11.00 0.89 -1.64
N GLY A 221 -9.74 1.23 -1.92
CA GLY A 221 -9.04 2.22 -1.13
C GLY A 221 -7.83 2.83 -1.80
N ALA A 222 -7.23 3.78 -1.11
CA ALA A 222 -6.00 4.43 -1.54
C ALA A 222 -5.06 4.56 -0.38
N ILE A 223 -3.83 4.13 -0.57
CA ILE A 223 -2.77 4.41 0.40
C ILE A 223 -2.35 5.86 0.18
N VAL A 224 -2.21 6.61 1.26
CA VAL A 224 -1.76 7.98 1.14
C VAL A 224 -0.45 8.15 1.87
N GLY A 225 0.59 8.50 1.12
CA GLY A 225 1.93 8.65 1.65
C GLY A 225 2.32 10.09 1.89
N LYS A 226 3.37 10.52 1.23
CA LYS A 226 3.99 11.83 1.49
C LYS A 226 3.06 13.02 1.21
N ALA A 227 2.01 12.82 0.41
CA ALA A 227 1.05 13.88 0.13
C ALA A 227 0.47 14.44 1.42
N LEU A 228 0.36 13.58 2.43
CA LEU A 228 -0.12 14.01 3.74
C LEU A 228 0.86 14.96 4.42
N TYR A 229 2.10 14.97 3.93
CA TYR A 229 3.14 15.82 4.49
C TYR A 229 3.51 17.01 3.61
N ALA A 230 2.73 17.21 2.55
CA ALA A 230 3.05 18.21 1.54
C ALA A 230 2.42 19.58 1.85
N ARG A 231 1.79 19.67 3.02
CA ARG A 231 1.15 20.90 3.51
C ARG A 231 0.09 21.44 2.55
N ARG A 232 -0.60 20.51 1.89
CA ARG A 232 -1.66 20.84 0.95
C ARG A 232 -3.02 20.42 1.52
N PHE A 233 -3.04 19.28 2.21
CA PHE A 233 -4.27 18.84 2.86
C PHE A 233 -3.98 18.01 4.10
N THR A 234 -5.00 17.92 4.96
CA THR A 234 -4.95 17.09 6.16
C THR A 234 -5.70 15.78 5.90
N LEU A 235 -5.45 14.76 6.73
CA LEU A 235 -6.20 13.50 6.64
C LEU A 235 -7.71 13.69 6.82
N PRO A 236 -8.14 14.50 7.81
CA PRO A 236 -9.59 14.77 7.93
C PRO A 236 -10.19 15.37 6.66
N GLN A 237 -9.47 16.29 6.02
CA GLN A 237 -9.91 16.89 4.76
C GLN A 237 -9.98 15.84 3.67
N ALA A 238 -8.98 14.97 3.63
CA ALA A 238 -8.93 13.87 2.69
C ALA A 238 -10.07 12.88 2.91
N LEU A 239 -10.35 12.54 4.17
CA LEU A 239 -11.42 11.59 4.47
C LEU A 239 -12.78 12.16 4.10
N ALA A 240 -12.94 13.47 4.27
CA ALA A 240 -14.18 14.16 3.95
C ALA A 240 -14.37 14.30 2.44
N ALA A 241 -13.26 14.46 1.73
CA ALA A 241 -13.30 14.65 0.28
C ALA A 241 -13.78 13.42 -0.46
N VAL A 242 -13.50 12.23 0.08
CA VAL A 242 -13.90 10.98 -0.57
C VAL A 242 -15.24 10.41 -0.11
N ARG A 243 -15.76 10.86 1.02
CA ARG A 243 -17.05 10.33 1.48
C ARG A 243 -18.23 11.05 0.80
N ASP A 244 -18.08 12.35 0.58
CA ASP A 244 -19.03 13.09 -0.23
C ASP A 244 -18.41 13.48 -1.57
S SO4 B . 8.81 -6.62 -0.64
O1 SO4 B . 8.78 -8.00 -0.16
O2 SO4 B . 7.81 -6.40 -1.69
O3 SO4 B . 8.59 -5.73 0.48
O4 SO4 B . 10.13 -6.39 -1.21
S SO4 C . 3.70 8.32 -2.38
O1 SO4 C . 3.65 6.86 -2.25
O2 SO4 C . 3.55 8.93 -1.06
O3 SO4 C . 5.00 8.71 -2.95
O4 SO4 C . 2.62 8.76 -3.25
S SO4 D . 10.53 8.93 21.15
O1 SO4 D . 9.85 7.71 20.74
O2 SO4 D . 10.25 10.00 20.20
O3 SO4 D . 10.07 9.33 22.47
O4 SO4 D . 11.98 8.68 21.19
S SO4 E . 12.99 22.17 -3.02
O1 SO4 E . 12.80 21.61 -4.36
O2 SO4 E . 12.15 23.36 -2.84
O3 SO4 E . 12.65 21.18 -2.01
O4 SO4 E . 14.40 22.56 -2.89
S SO4 F . 3.88 29.31 6.47
O1 SO4 F . 4.20 29.10 5.05
O2 SO4 F . 2.50 29.81 6.58
O3 SO4 F . 4.00 28.06 7.19
O4 SO4 F . 4.80 30.30 7.04
S SO4 G . -9.97 21.33 -2.79
O1 SO4 G . -9.53 20.28 -3.72
O2 SO4 G . -10.68 22.37 -3.54
O3 SO4 G . -10.88 20.78 -1.77
O4 SO4 G . -8.80 21.91 -2.15
S SO4 H . 8.31 -20.92 -5.40
O1 SO4 H . 8.37 -22.37 -5.34
O2 SO4 H . 7.58 -20.50 -6.60
O3 SO4 H . 7.64 -20.42 -4.21
O4 SO4 H . 9.66 -20.36 -5.46
#